data_8HNP
#
_entry.id   8HNP
#
_cell.length_a   123.170
_cell.length_b   123.170
_cell.length_c   82.650
_cell.angle_alpha   90.000
_cell.angle_beta   90.000
_cell.angle_gamma   90.000
#
_symmetry.space_group_name_H-M   'P 43 21 2'
#
_entity_poly.entity_id   1
_entity_poly.type   'polypeptide(L)'
_entity_poly.pdbx_seq_one_letter_code
;MGSKSFLTEQQIKILRLRARGLKQSEIAELLGTSRANISILERRALEKIEKARNIITIWEQINSKISVEVRKGEDIFTVP
DKLFKKADELQIKVPYSTAEIIAFLVEHAPISDRIAKRDFTLFLDARDRLRISECLLEEFDEIGKQHHHHHH
;
_entity_poly.pdbx_strand_id   A,B
#
# COMPACT_ATOMS: atom_id res chain seq x y z
N LYS A 4 -16.94 -10.16 -3.04
CA LYS A 4 -15.91 -9.64 -3.93
C LYS A 4 -14.91 -8.76 -3.20
N SER A 5 -14.61 -9.10 -1.95
CA SER A 5 -13.66 -8.36 -1.14
C SER A 5 -12.21 -8.75 -1.45
N PHE A 6 -11.98 -9.57 -2.47
CA PHE A 6 -10.65 -10.02 -2.81
C PHE A 6 -10.63 -10.42 -4.28
N LEU A 7 -9.47 -10.86 -4.75
CA LEU A 7 -9.31 -11.32 -6.13
C LEU A 7 -9.54 -12.81 -6.19
N THR A 8 -10.54 -13.23 -6.98
CA THR A 8 -10.83 -14.65 -7.13
C THR A 8 -9.73 -15.34 -7.93
N GLU A 9 -9.73 -16.67 -7.86
CA GLU A 9 -8.72 -17.45 -8.58
C GLU A 9 -8.78 -17.23 -10.08
N GLN A 10 -9.98 -16.96 -10.61
CA GLN A 10 -10.11 -16.71 -12.04
C GLN A 10 -9.59 -15.32 -12.40
N GLN A 11 -9.85 -14.33 -11.54
CA GLN A 11 -9.31 -12.99 -11.76
C GLN A 11 -7.79 -13.00 -11.64
N ILE A 12 -7.25 -13.79 -10.70
CA ILE A 12 -5.80 -13.90 -10.56
C ILE A 12 -5.20 -14.58 -11.78
N LYS A 13 -5.86 -15.63 -12.29
CA LYS A 13 -5.36 -16.33 -13.47
C LYS A 13 -5.40 -15.43 -14.69
N ILE A 14 -6.38 -14.53 -14.79
CA ILE A 14 -6.43 -13.60 -15.91
C ILE A 14 -5.28 -12.62 -15.83
N LEU A 15 -5.08 -11.99 -14.67
CA LEU A 15 -4.00 -11.04 -14.51
C LEU A 15 -2.64 -11.70 -14.65
N ARG A 16 -2.52 -12.97 -14.27
CA ARG A 16 -1.26 -13.68 -14.45
C ARG A 16 -0.97 -13.92 -15.92
N LEU A 17 -1.95 -14.40 -16.67
CA LEU A 17 -1.76 -14.58 -18.10
C LEU A 17 -1.58 -13.24 -18.81
N ARG A 18 -2.27 -12.19 -18.33
CA ARG A 18 -2.10 -10.88 -18.93
C ARG A 18 -0.71 -10.31 -18.64
N ALA A 19 -0.18 -10.55 -17.44
CA ALA A 19 1.16 -10.07 -17.12
C ALA A 19 2.22 -10.74 -17.98
N ARG A 20 1.97 -11.98 -18.43
CA ARG A 20 2.91 -12.66 -19.30
C ARG A 20 2.90 -12.11 -20.72
N GLY A 21 1.91 -11.31 -21.08
CA GLY A 21 1.82 -10.70 -22.39
C GLY A 21 0.76 -11.27 -23.32
N LEU A 22 -0.23 -11.99 -22.79
CA LEU A 22 -1.27 -12.57 -23.62
C LEU A 22 -2.39 -11.56 -23.86
N LYS A 23 -3.07 -11.72 -25.00
CA LYS A 23 -4.18 -10.85 -25.36
C LYS A 23 -5.49 -11.46 -24.88
N GLN A 24 -6.51 -10.60 -24.76
CA GLN A 24 -7.80 -11.03 -24.26
C GLN A 24 -8.38 -12.17 -25.08
N SER A 25 -8.13 -12.18 -26.39
CA SER A 25 -8.64 -13.25 -27.24
C SER A 25 -7.95 -14.57 -26.93
N GLU A 26 -6.65 -14.53 -26.60
CA GLU A 26 -5.93 -15.76 -26.29
C GLU A 26 -6.29 -16.29 -24.91
N ILE A 27 -6.57 -15.40 -23.95
CA ILE A 27 -6.87 -15.83 -22.59
C ILE A 27 -8.23 -16.51 -22.53
N ALA A 28 -9.17 -16.11 -23.38
CA ALA A 28 -10.53 -16.66 -23.32
C ALA A 28 -10.56 -18.15 -23.61
N GLU A 29 -9.65 -18.64 -24.47
CA GLU A 29 -9.69 -20.05 -24.83
C GLU A 29 -9.13 -20.93 -23.72
N LEU A 30 -8.06 -20.48 -23.05
CA LEU A 30 -7.46 -21.28 -22.00
C LEU A 30 -8.41 -21.51 -20.84
N LEU A 31 -9.17 -20.48 -20.47
CA LEU A 31 -10.11 -20.59 -19.36
C LEU A 31 -11.42 -21.24 -19.77
N GLY A 32 -11.71 -21.32 -21.07
CA GLY A 32 -12.95 -21.92 -21.53
C GLY A 32 -14.16 -21.03 -21.39
N THR A 33 -14.00 -19.73 -21.62
CA THR A 33 -15.10 -18.79 -21.51
C THR A 33 -15.00 -17.77 -22.63
N SER A 34 -16.02 -16.91 -22.73
CA SER A 34 -16.07 -15.92 -23.78
C SER A 34 -15.16 -14.74 -23.47
N ARG A 35 -14.76 -14.02 -24.51
CA ARG A 35 -13.95 -12.82 -24.32
C ARG A 35 -14.70 -11.73 -23.58
N ALA A 36 -16.04 -11.76 -23.61
CA ALA A 36 -16.81 -10.80 -22.84
C ALA A 36 -16.64 -11.02 -21.35
N ASN A 37 -16.57 -12.29 -20.91
CA ASN A 37 -16.36 -12.57 -19.51
C ASN A 37 -14.98 -12.14 -19.05
N ILE A 38 -13.97 -12.34 -19.91
CA ILE A 38 -12.63 -11.88 -19.60
C ILE A 38 -12.59 -10.36 -19.48
N SER A 39 -13.35 -9.68 -20.35
CA SER A 39 -13.40 -8.22 -20.31
C SER A 39 -14.07 -7.73 -19.04
N ILE A 40 -15.10 -8.44 -18.57
CA ILE A 40 -15.80 -8.01 -17.36
C ILE A 40 -14.96 -8.31 -16.13
N LEU A 41 -14.30 -9.46 -16.09
CA LEU A 41 -13.53 -9.85 -14.91
C LEU A 41 -12.26 -9.01 -14.78
N GLU A 42 -11.52 -8.84 -15.87
CA GLU A 42 -10.28 -8.08 -15.80
C GLU A 42 -10.54 -6.61 -15.47
N ARG A 43 -11.62 -6.05 -16.03
CA ARG A 43 -11.99 -4.68 -15.67
C ARG A 43 -12.41 -4.59 -14.21
N ARG A 44 -13.13 -5.61 -13.72
CA ARG A 44 -13.53 -5.63 -12.32
C ARG A 44 -12.33 -5.88 -11.40
N ALA A 45 -11.38 -6.70 -11.85
CA ALA A 45 -10.21 -7.00 -11.02
C ALA A 45 -9.33 -5.77 -10.83
N LEU A 46 -9.10 -5.00 -11.91
CA LEU A 46 -8.30 -3.79 -11.79
C LEU A 46 -9.00 -2.74 -10.94
N GLU A 47 -10.34 -2.75 -10.90
CA GLU A 47 -11.06 -1.82 -10.05
C GLU A 47 -10.86 -2.14 -8.57
N LYS A 48 -10.68 -3.42 -8.23
CA LYS A 48 -10.40 -3.78 -6.85
C LYS A 48 -9.01 -3.34 -6.44
N ILE A 49 -8.03 -3.44 -7.35
CA ILE A 49 -6.67 -3.02 -7.05
C ILE A 49 -6.61 -1.50 -6.88
N GLU A 50 -7.35 -0.76 -7.71
CA GLU A 50 -7.36 0.69 -7.60
C GLU A 50 -8.00 1.13 -6.28
N LYS A 51 -9.11 0.49 -5.90
CA LYS A 51 -9.75 0.83 -4.63
C LYS A 51 -8.89 0.44 -3.44
N ALA A 52 -8.09 -0.62 -3.58
CA ALA A 52 -7.21 -1.02 -2.49
C ALA A 52 -6.05 -0.06 -2.31
N ARG A 53 -5.59 0.57 -3.40
CA ARG A 53 -4.51 1.54 -3.28
C ARG A 53 -4.96 2.77 -2.49
N ASN A 54 -6.18 3.25 -2.72
CA ASN A 54 -6.68 4.39 -1.98
C ASN A 54 -6.82 4.07 -0.50
N ILE A 55 -7.10 2.81 -0.16
CA ILE A 55 -7.18 2.43 1.25
C ILE A 55 -5.80 2.50 1.90
N ILE A 56 -4.78 1.99 1.21
CA ILE A 56 -3.43 2.02 1.76
C ILE A 56 -2.90 3.46 1.78
N THR A 57 -3.26 4.26 0.77
CA THR A 57 -2.80 5.64 0.74
C THR A 57 -3.38 6.44 1.90
N ILE A 58 -4.68 6.27 2.19
CA ILE A 58 -5.28 6.95 3.33
C ILE A 58 -4.72 6.40 4.64
N TRP A 59 -4.46 5.09 4.69
CA TRP A 59 -3.88 4.50 5.90
C TRP A 59 -2.49 5.05 6.17
N GLU A 60 -1.71 5.30 5.12
CA GLU A 60 -0.40 5.91 5.29
C GLU A 60 -0.51 7.41 5.58
N GLN A 61 -1.61 8.05 5.16
CA GLN A 61 -1.81 9.47 5.48
C GLN A 61 -2.16 9.66 6.94
N ILE A 62 -2.92 8.73 7.52
CA ILE A 62 -3.25 8.82 8.94
C ILE A 62 -2.01 8.59 9.79
N ASN A 63 -1.09 7.74 9.34
CA ASN A 63 0.17 7.47 10.02
C ASN A 63 1.30 8.34 9.48
N SER A 64 1.00 9.60 9.13
CA SER A 64 1.99 10.51 8.57
C SER A 64 2.56 11.39 9.68
N LYS A 65 3.85 11.71 9.55
CA LYS A 65 4.49 12.58 10.54
C LYS A 65 4.03 14.02 10.38
N ILE A 66 3.94 14.51 9.15
CA ILE A 66 3.55 15.89 8.88
C ILE A 66 2.68 15.90 7.62
N SER A 67 1.61 16.69 7.66
CA SER A 67 0.68 16.80 6.54
C SER A 67 0.22 18.24 6.38
N VAL A 68 0.13 18.69 5.13
CA VAL A 68 -0.26 20.05 4.81
C VAL A 68 -1.35 19.99 3.74
N GLU A 69 -2.41 20.76 3.94
CA GLU A 69 -3.53 20.79 3.01
C GLU A 69 -3.38 21.92 2.00
N VAL A 70 -3.80 21.66 0.77
CA VAL A 70 -3.76 22.64 -0.32
C VAL A 70 -5.15 22.69 -0.95
N ARG A 71 -5.74 23.88 -0.98
CA ARG A 71 -7.07 24.06 -1.53
C ARG A 71 -6.98 24.47 -3.00
N LYS A 72 -8.11 24.32 -3.70
CA LYS A 72 -8.17 24.68 -5.11
C LYS A 72 -8.06 26.20 -5.27
N GLY A 73 -7.14 26.63 -6.14
CA GLY A 73 -6.91 28.02 -6.40
C GLY A 73 -5.66 28.60 -5.76
N GLU A 74 -5.08 27.89 -4.78
CA GLU A 74 -3.89 28.37 -4.11
C GLU A 74 -2.65 28.09 -4.96
N ASP A 75 -1.62 28.91 -4.75
CA ASP A 75 -0.41 28.79 -5.54
C ASP A 75 0.41 27.58 -5.10
N ILE A 76 1.11 26.98 -6.07
CA ILE A 76 1.95 25.83 -5.76
C ILE A 76 3.23 26.27 -5.04
N PHE A 77 3.66 27.50 -5.27
CA PHE A 77 4.92 27.98 -4.71
C PHE A 77 4.80 28.38 -3.24
N THR A 78 3.59 28.59 -2.73
CA THR A 78 3.40 28.90 -1.32
C THR A 78 3.23 27.67 -0.45
N VAL A 79 3.24 26.49 -1.05
CA VAL A 79 3.13 25.22 -0.32
C VAL A 79 4.43 24.90 0.42
N PRO A 80 5.62 25.04 -0.19
CA PRO A 80 6.85 24.73 0.56
C PRO A 80 7.02 25.56 1.82
N ASP A 81 6.81 26.88 1.74
CA ASP A 81 6.91 27.72 2.93
C ASP A 81 5.85 27.35 3.96
N LYS A 82 4.68 26.89 3.50
CA LYS A 82 3.64 26.47 4.44
C LYS A 82 3.99 25.16 5.12
N LEU A 83 4.64 24.24 4.40
CA LEU A 83 5.05 22.98 4.99
C LEU A 83 6.16 23.19 6.02
N PHE A 84 7.22 23.92 5.64
CA PHE A 84 8.32 24.16 6.55
C PHE A 84 7.88 24.96 7.77
N LYS A 85 6.85 25.80 7.62
CA LYS A 85 6.34 26.57 8.75
C LYS A 85 5.77 25.67 9.83
N LYS A 86 4.92 24.72 9.44
CA LYS A 86 4.29 23.82 10.40
C LYS A 86 5.14 22.60 10.73
N ALA A 87 6.14 22.29 9.91
CA ALA A 87 6.95 21.10 10.16
C ALA A 87 7.83 21.26 11.40
N ASP A 88 8.24 22.49 11.72
CA ASP A 88 9.12 22.71 12.87
C ASP A 88 8.38 22.73 14.19
N GLU A 89 7.05 22.63 14.18
CA GLU A 89 6.32 22.45 15.43
C GLU A 89 6.76 21.18 16.15
N LEU A 90 6.79 20.07 15.44
CA LEU A 90 7.43 18.86 15.91
C LEU A 90 8.88 18.87 15.42
N GLN A 91 9.52 17.70 15.37
CA GLN A 91 10.90 17.63 14.88
C GLN A 91 10.87 17.71 13.36
N ILE A 92 11.16 18.89 12.83
CA ILE A 92 11.15 19.10 11.38
C ILE A 92 12.21 18.24 10.70
N LYS A 93 11.78 17.18 10.02
CA LYS A 93 12.66 16.25 9.33
C LYS A 93 12.20 16.05 7.90
N VAL A 94 12.01 17.14 7.17
CA VAL A 94 11.69 17.07 5.75
C VAL A 94 13.01 17.12 4.99
N PRO A 95 13.54 15.98 4.53
CA PRO A 95 14.89 15.97 3.94
C PRO A 95 14.90 16.44 2.49
N TYR A 96 13.85 17.13 2.08
CA TYR A 96 13.75 17.69 0.73
C TYR A 96 13.87 19.21 0.81
N SER A 97 14.42 19.80 -0.25
CA SER A 97 14.62 21.24 -0.30
C SER A 97 13.36 21.92 -0.84
N THR A 98 13.42 23.26 -0.90
CA THR A 98 12.27 24.03 -1.37
C THR A 98 11.97 23.73 -2.83
N ALA A 99 12.99 23.35 -3.61
CA ALA A 99 12.79 23.00 -5.02
C ALA A 99 12.52 21.52 -5.24
N GLU A 100 12.89 20.66 -4.28
CA GLU A 100 12.68 19.23 -4.44
C GLU A 100 11.21 18.86 -4.28
N ILE A 101 10.46 19.58 -3.45
CA ILE A 101 9.04 19.31 -3.31
C ILE A 101 8.21 20.08 -4.33
N ILE A 102 8.75 21.15 -4.90
CA ILE A 102 8.07 21.81 -6.02
C ILE A 102 8.13 20.92 -7.26
N ALA A 103 9.29 20.36 -7.55
CA ALA A 103 9.40 19.39 -8.64
C ALA A 103 8.57 18.15 -8.38
N PHE A 104 8.27 17.85 -7.11
CA PHE A 104 7.37 16.74 -6.80
C PHE A 104 5.92 17.11 -7.10
N LEU A 105 5.50 18.32 -6.68
CA LEU A 105 4.13 18.75 -6.93
C LEU A 105 3.87 18.95 -8.42
N VAL A 106 4.88 19.37 -9.18
CA VAL A 106 4.68 19.51 -10.62
C VAL A 106 4.46 18.14 -11.26
N GLU A 107 5.05 17.10 -10.69
CA GLU A 107 4.95 15.76 -11.28
C GLU A 107 3.71 15.00 -10.82
N HIS A 108 3.46 14.90 -9.52
CA HIS A 108 2.34 14.14 -8.97
C HIS A 108 1.48 15.04 -8.09
N ALA A 109 0.79 15.99 -8.69
CA ALA A 109 -0.22 16.77 -7.96
C ALA A 109 -1.21 17.35 -8.94
N PRO A 110 -2.51 17.31 -8.62
CA PRO A 110 -3.51 17.84 -9.55
C PRO A 110 -3.45 19.35 -9.69
N ILE A 111 -2.56 19.83 -10.57
CA ILE A 111 -2.37 21.25 -10.79
C ILE A 111 -2.52 21.56 -12.27
N SER A 112 -3.08 22.72 -12.58
CA SER A 112 -3.14 23.25 -13.94
C SER A 112 -2.18 24.43 -14.01
N ASP A 113 -1.06 24.24 -14.70
CA ASP A 113 0.05 25.21 -14.75
C ASP A 113 0.52 25.45 -13.33
N ARG A 114 0.42 26.66 -12.79
CA ARG A 114 0.92 26.98 -11.46
C ARG A 114 -0.17 26.89 -10.39
N ILE A 115 -1.42 26.64 -10.79
CA ILE A 115 -2.56 26.64 -9.88
C ILE A 115 -3.08 25.22 -9.76
N ALA A 116 -3.46 24.83 -8.54
CA ALA A 116 -3.98 23.50 -8.30
C ALA A 116 -5.42 23.40 -8.77
N LYS A 117 -5.74 22.29 -9.46
CA LYS A 117 -7.09 22.11 -9.98
C LYS A 117 -8.07 21.80 -8.85
N ARG A 118 -7.81 20.74 -8.10
CA ARG A 118 -8.68 20.30 -7.02
C ARG A 118 -7.89 20.22 -5.72
N ASP A 119 -8.61 19.95 -4.63
CA ASP A 119 -7.99 19.91 -3.31
C ASP A 119 -7.20 18.62 -3.12
N PHE A 120 -6.08 18.74 -2.42
CA PHE A 120 -5.23 17.59 -2.11
C PHE A 120 -4.43 17.91 -0.86
N THR A 121 -3.79 16.86 -0.31
CA THR A 121 -2.95 16.98 0.86
C THR A 121 -1.57 16.43 0.56
N LEU A 122 -0.54 17.23 0.81
CA LEU A 122 0.84 16.80 0.72
C LEU A 122 1.32 16.41 2.11
N PHE A 123 1.70 15.15 2.28
CA PHE A 123 2.15 14.65 3.57
C PHE A 123 3.44 13.85 3.39
N LEU A 124 4.16 13.70 4.50
CA LEU A 124 5.38 12.90 4.56
C LEU A 124 5.05 11.64 5.36
N ASP A 125 5.07 10.49 4.69
CA ASP A 125 4.65 9.24 5.32
C ASP A 125 5.71 8.69 6.27
N ALA A 126 5.58 7.42 6.62
CA ALA A 126 6.51 6.78 7.55
C ALA A 126 7.86 6.45 6.92
N ARG A 127 7.97 6.48 5.60
CA ARG A 127 9.22 6.18 4.92
C ARG A 127 9.94 7.44 4.45
N ASP A 128 9.53 8.62 4.94
CA ASP A 128 10.17 9.89 4.61
C ASP A 128 10.18 10.14 3.10
N ARG A 129 9.04 9.89 2.47
CA ARG A 129 8.86 10.15 1.04
C ARG A 129 7.58 10.94 0.84
N LEU A 130 7.64 11.91 -0.07
CA LEU A 130 6.49 12.77 -0.33
C LEU A 130 5.37 11.99 -1.01
N ARG A 131 4.14 12.20 -0.55
CA ARG A 131 2.97 11.55 -1.13
C ARG A 131 1.84 12.57 -1.20
N ILE A 132 0.89 12.29 -2.09
CA ILE A 132 -0.26 13.17 -2.34
C ILE A 132 -1.53 12.37 -2.15
N SER A 133 -2.50 12.97 -1.45
CA SER A 133 -3.79 12.33 -1.19
C SER A 133 -4.88 13.37 -1.35
N GLU A 134 -5.94 13.03 -2.09
CA GLU A 134 -7.09 13.90 -2.26
C GLU A 134 -8.16 13.52 -1.23
N CYS A 135 -7.89 13.91 0.02
CA CYS A 135 -8.73 13.50 1.14
C CYS A 135 -9.11 14.67 2.04
N LEU A 136 -8.12 15.42 2.50
CA LEU A 136 -8.31 16.49 3.47
C LEU A 136 -8.96 15.97 4.75
N LEU A 137 -8.15 15.36 5.63
CA LEU A 137 -8.67 14.82 6.89
C LEU A 137 -8.24 15.65 8.10
N GLU A 138 -7.68 16.85 7.88
CA GLU A 138 -7.19 17.65 8.99
C GLU A 138 -8.31 18.27 9.83
N GLU A 139 -9.56 18.20 9.37
CA GLU A 139 -10.67 18.69 10.19
C GLU A 139 -10.83 17.86 11.45
N PHE A 140 -10.47 16.57 11.39
CA PHE A 140 -10.56 15.68 12.53
C PHE A 140 -9.44 15.88 13.55
N ASP A 141 -8.37 16.59 13.16
CA ASP A 141 -7.26 16.89 14.05
C ASP A 141 -7.50 18.13 14.90
N GLU A 142 -8.75 18.57 15.03
CA GLU A 142 -9.10 19.76 15.80
C GLU A 142 -10.27 19.46 16.72
N ILE A 143 -10.26 18.29 17.35
CA ILE A 143 -11.31 17.88 18.28
C ILE A 143 -10.66 17.49 19.60
N GLY A 144 -11.12 18.11 20.69
CA GLY A 144 -10.58 17.83 22.00
C GLY A 144 -9.82 19.00 22.60
N GLY B 2 -17.22 -1.72 8.73
CA GLY B 2 -18.44 -0.93 8.80
C GLY B 2 -19.10 -0.74 7.45
N SER B 3 -18.34 -0.97 6.38
CA SER B 3 -18.83 -0.83 5.02
C SER B 3 -17.95 -1.70 4.12
N LYS B 4 -17.89 -1.35 2.83
CA LYS B 4 -17.12 -2.13 1.88
C LYS B 4 -16.56 -1.20 0.82
N SER B 5 -15.37 -1.54 0.35
CA SER B 5 -14.74 -0.95 -0.83
C SER B 5 -14.09 0.41 -0.54
N PHE B 6 -14.40 1.01 0.60
CA PHE B 6 -13.78 2.27 0.97
C PHE B 6 -13.97 2.51 2.46
N LEU B 7 -13.31 3.55 2.96
CA LEU B 7 -13.34 3.93 4.36
C LEU B 7 -14.32 5.08 4.55
N THR B 8 -15.31 4.87 5.42
CA THR B 8 -16.29 5.90 5.70
C THR B 8 -15.68 7.01 6.56
N GLU B 9 -16.43 8.10 6.73
CA GLU B 9 -15.94 9.23 7.52
C GLU B 9 -15.68 8.81 8.95
N GLN B 10 -16.59 8.03 9.54
CA GLN B 10 -16.41 7.60 10.93
C GLN B 10 -15.19 6.71 11.08
N GLN B 11 -14.95 5.83 10.10
CA GLN B 11 -13.75 5.00 10.12
C GLN B 11 -12.50 5.85 9.97
N ILE B 12 -12.58 6.92 9.18
CA ILE B 12 -11.45 7.84 9.08
C ILE B 12 -11.24 8.59 10.38
N LYS B 13 -12.33 9.01 11.02
CA LYS B 13 -12.22 9.79 12.26
C LYS B 13 -11.69 8.95 13.41
N ILE B 14 -12.08 7.67 13.45
CA ILE B 14 -11.61 6.80 14.52
C ILE B 14 -10.11 6.58 14.43
N LEU B 15 -9.63 6.15 13.27
CA LEU B 15 -8.20 5.84 13.11
C LEU B 15 -7.34 7.09 13.25
N ARG B 16 -7.86 8.25 12.86
CA ARG B 16 -7.09 9.48 13.00
C ARG B 16 -6.94 9.87 14.47
N LEU B 17 -8.00 9.71 15.25
CA LEU B 17 -7.90 9.97 16.68
C LEU B 17 -7.10 8.89 17.39
N ARG B 18 -7.17 7.64 16.91
CA ARG B 18 -6.37 6.57 17.50
C ARG B 18 -4.88 6.79 17.23
N ALA B 19 -4.54 7.27 16.03
CA ALA B 19 -3.14 7.53 15.71
C ALA B 19 -2.57 8.66 16.56
N ARG B 20 -3.40 9.62 16.96
CA ARG B 20 -2.95 10.72 17.81
C ARG B 20 -2.75 10.30 19.26
N GLY B 21 -2.97 9.03 19.60
CA GLY B 21 -2.73 8.54 20.93
C GLY B 21 -3.92 8.51 21.86
N LEU B 22 -5.14 8.55 21.33
CA LEU B 22 -6.33 8.54 22.16
C LEU B 22 -6.79 7.11 22.43
N LYS B 23 -7.39 6.92 23.60
CA LYS B 23 -7.93 5.63 24.02
C LYS B 23 -9.39 5.51 23.60
N GLN B 24 -9.82 4.28 23.32
CA GLN B 24 -11.19 4.02 22.89
C GLN B 24 -12.21 4.65 23.84
N SER B 25 -11.93 4.65 25.14
CA SER B 25 -12.84 5.27 26.09
C SER B 25 -12.88 6.79 25.91
N GLU B 26 -11.74 7.39 25.56
CA GLU B 26 -11.71 8.83 25.32
C GLU B 26 -12.40 9.19 24.01
N ILE B 27 -12.26 8.33 22.99
CA ILE B 27 -12.96 8.56 21.72
C ILE B 27 -14.45 8.35 21.90
N ALA B 28 -14.84 7.46 22.82
CA ALA B 28 -16.26 7.20 23.03
C ALA B 28 -17.00 8.44 23.51
N GLU B 29 -16.33 9.27 24.31
CA GLU B 29 -16.99 10.48 24.80
C GLU B 29 -17.08 11.55 23.72
N LEU B 30 -16.03 11.66 22.88
CA LEU B 30 -16.04 12.68 21.84
C LEU B 30 -17.14 12.44 20.82
N LEU B 31 -17.34 11.18 20.42
CA LEU B 31 -18.37 10.84 19.45
C LEU B 31 -19.73 10.62 20.10
N GLY B 32 -19.79 10.40 21.41
CA GLY B 32 -21.05 10.17 22.07
C GLY B 32 -21.60 8.77 21.88
N THR B 33 -20.75 7.75 21.92
CA THR B 33 -21.16 6.37 21.75
C THR B 33 -20.43 5.52 22.77
N SER B 34 -20.79 4.23 22.82
CA SER B 34 -20.13 3.30 23.72
C SER B 34 -18.80 2.84 23.14
N ARG B 35 -17.84 2.61 24.04
CA ARG B 35 -16.52 2.16 23.60
C ARG B 35 -16.53 0.76 23.01
N ALA B 36 -17.56 -0.04 23.33
CA ALA B 36 -17.66 -1.37 22.75
C ALA B 36 -17.94 -1.30 21.26
N ASN B 37 -18.81 -0.37 20.84
CA ASN B 37 -19.09 -0.22 19.42
C ASN B 37 -17.88 0.35 18.68
N ILE B 38 -17.14 1.25 19.32
CA ILE B 38 -15.95 1.82 18.70
C ILE B 38 -14.87 0.75 18.54
N SER B 39 -14.76 -0.15 19.52
CA SER B 39 -13.83 -1.27 19.38
C SER B 39 -14.22 -2.17 18.23
N ILE B 40 -15.52 -2.31 17.95
CA ILE B 40 -15.96 -3.10 16.81
C ILE B 40 -15.74 -2.35 15.52
N LEU B 41 -15.97 -1.04 15.52
CA LEU B 41 -15.77 -0.24 14.32
C LEU B 41 -14.31 -0.17 13.92
N GLU B 42 -13.42 0.06 14.89
CA GLU B 42 -11.99 0.07 14.59
C GLU B 42 -11.52 -1.31 14.13
N ARG B 43 -12.10 -2.38 14.68
CA ARG B 43 -11.77 -3.72 14.23
C ARG B 43 -12.14 -3.90 12.75
N ARG B 44 -13.33 -3.41 12.37
CA ARG B 44 -13.76 -3.54 10.97
C ARG B 44 -12.90 -2.68 10.06
N ALA B 45 -12.48 -1.50 10.54
CA ALA B 45 -11.65 -0.62 9.72
C ALA B 45 -10.28 -1.24 9.49
N LEU B 46 -9.65 -1.74 10.55
CA LEU B 46 -8.35 -2.40 10.40
C LEU B 46 -8.47 -3.68 9.59
N GLU B 47 -9.59 -4.40 9.74
CA GLU B 47 -9.81 -5.60 8.93
C GLU B 47 -9.97 -5.25 7.46
N LYS B 48 -10.59 -4.11 7.16
CA LYS B 48 -10.77 -3.70 5.77
C LYS B 48 -9.45 -3.27 5.15
N ILE B 49 -8.64 -2.52 5.90
CA ILE B 49 -7.32 -2.14 5.40
C ILE B 49 -6.42 -3.36 5.25
N GLU B 50 -6.52 -4.31 6.18
CA GLU B 50 -5.69 -5.51 6.11
C GLU B 50 -6.05 -6.35 4.89
N LYS B 51 -7.34 -6.45 4.57
CA LYS B 51 -7.75 -7.19 3.38
C LYS B 51 -7.34 -6.46 2.10
N ALA B 52 -7.31 -5.12 2.15
CA ALA B 52 -6.88 -4.36 0.98
C ALA B 52 -5.37 -4.47 0.79
N ARG B 53 -4.61 -4.70 1.86
CA ARG B 53 -3.17 -4.85 1.74
C ARG B 53 -2.81 -6.13 1.00
N ASN B 54 -3.58 -7.20 1.20
CA ASN B 54 -3.32 -8.44 0.46
C ASN B 54 -3.61 -8.28 -1.02
N ILE B 55 -4.49 -7.35 -1.39
CA ILE B 55 -4.78 -7.12 -2.81
C ILE B 55 -3.56 -6.51 -3.49
N ILE B 56 -2.91 -5.54 -2.84
CA ILE B 56 -1.73 -4.93 -3.41
C ILE B 56 -0.58 -5.94 -3.47
N THR B 57 -0.50 -6.83 -2.49
CA THR B 57 0.55 -7.83 -2.49
C THR B 57 0.40 -8.81 -3.66
N ILE B 58 -0.84 -9.22 -3.95
CA ILE B 58 -1.07 -10.11 -5.09
C ILE B 58 -0.78 -9.39 -6.39
N TRP B 59 -1.12 -8.09 -6.47
CA TRP B 59 -0.85 -7.33 -7.68
C TRP B 59 0.64 -7.15 -7.91
N GLU B 60 1.42 -6.98 -6.84
CA GLU B 60 2.85 -6.87 -6.96
C GLU B 60 3.54 -8.22 -7.11
N GLN B 61 2.91 -9.30 -6.64
CA GLN B 61 3.50 -10.63 -6.76
C GLN B 61 3.41 -11.16 -8.18
N ILE B 62 2.30 -10.89 -8.87
CA ILE B 62 2.17 -11.36 -10.25
C ILE B 62 3.06 -10.55 -11.18
N ASN B 63 3.40 -9.32 -10.80
CA ASN B 63 4.31 -8.47 -11.56
C ASN B 63 5.72 -8.50 -11.00
N SER B 64 6.15 -9.65 -10.49
CA SER B 64 7.46 -9.81 -9.88
C SER B 64 8.46 -10.35 -10.89
N LYS B 65 9.71 -9.89 -10.77
CA LYS B 65 10.77 -10.40 -11.66
C LYS B 65 11.09 -11.84 -11.34
N ILE B 66 11.17 -12.19 -10.06
CA ILE B 66 11.53 -13.54 -9.63
C ILE B 66 10.90 -13.79 -8.26
N SER B 67 10.38 -15.00 -8.06
CA SER B 67 9.74 -15.38 -6.82
C SER B 67 10.26 -16.73 -6.37
N VAL B 68 10.48 -16.87 -5.06
CA VAL B 68 11.00 -18.10 -4.47
C VAL B 68 10.08 -18.50 -3.32
N GLU B 69 9.73 -19.79 -3.27
CA GLU B 69 8.85 -20.33 -2.26
C GLU B 69 9.67 -21.00 -1.16
N VAL B 70 9.20 -20.86 0.08
CA VAL B 70 9.84 -21.47 1.24
C VAL B 70 8.77 -22.19 2.05
N ARG B 71 8.99 -23.48 2.28
CA ARG B 71 8.03 -24.30 3.00
C ARG B 71 8.27 -24.22 4.51
N LYS B 72 7.29 -24.69 5.27
CA LYS B 72 7.39 -24.67 6.72
C LYS B 72 8.47 -25.63 7.20
N GLY B 73 9.39 -25.13 8.01
CA GLY B 73 10.47 -25.93 8.56
C GLY B 73 11.81 -25.69 7.91
N GLU B 74 11.87 -24.98 6.78
CA GLU B 74 13.13 -24.76 6.09
C GLU B 74 13.97 -23.73 6.85
N ASP B 75 15.29 -23.85 6.69
CA ASP B 75 16.21 -22.89 7.30
C ASP B 75 16.06 -21.53 6.64
N ILE B 76 16.27 -20.47 7.42
CA ILE B 76 16.23 -19.12 6.87
C ILE B 76 17.49 -18.83 6.06
N PHE B 77 18.60 -19.48 6.41
CA PHE B 77 19.88 -19.21 5.77
C PHE B 77 20.03 -19.89 4.41
N THR B 78 19.19 -20.88 4.09
CA THR B 78 19.25 -21.55 2.80
C THR B 78 18.41 -20.87 1.73
N VAL B 79 17.76 -19.75 2.07
CA VAL B 79 16.93 -19.00 1.12
C VAL B 79 17.80 -18.25 0.12
N PRO B 80 18.88 -17.57 0.52
CA PRO B 80 19.70 -16.85 -0.49
C PRO B 80 20.22 -17.74 -1.60
N ASP B 81 20.76 -18.92 -1.26
CA ASP B 81 21.28 -19.82 -2.29
C ASP B 81 20.17 -20.30 -3.22
N LYS B 82 18.95 -20.47 -2.70
CA LYS B 82 17.84 -20.89 -3.54
C LYS B 82 17.38 -19.75 -4.45
N LEU B 83 17.41 -18.51 -3.95
CA LEU B 83 17.00 -17.38 -4.76
C LEU B 83 18.00 -17.09 -5.86
N PHE B 84 19.29 -17.01 -5.51
CA PHE B 84 20.33 -16.73 -6.48
C PHE B 84 20.49 -17.85 -7.50
N LYS B 85 20.05 -19.07 -7.17
CA LYS B 85 20.12 -20.16 -8.13
C LYS B 85 19.20 -19.90 -9.32
N LYS B 86 17.95 -19.51 -9.05
CA LYS B 86 17.03 -19.17 -10.12
C LYS B 86 17.42 -17.86 -10.81
N ALA B 87 18.17 -16.99 -10.14
CA ALA B 87 18.60 -15.73 -10.74
C ALA B 87 19.59 -15.94 -11.88
N ASP B 88 20.14 -17.15 -12.03
CA ASP B 88 21.05 -17.44 -13.13
C ASP B 88 20.33 -18.03 -14.33
N GLU B 89 19.36 -18.93 -14.10
CA GLU B 89 18.58 -19.47 -15.20
C GLU B 89 17.78 -18.36 -15.89
N LEU B 90 17.04 -17.57 -15.11
CA LEU B 90 16.40 -16.37 -15.62
C LEU B 90 17.38 -15.21 -15.46
N GLN B 91 17.92 -14.72 -16.57
CA GLN B 91 18.96 -13.70 -16.54
C GLN B 91 18.43 -12.36 -16.03
N ILE B 92 18.40 -12.18 -14.71
CA ILE B 92 18.04 -10.92 -14.08
C ILE B 92 19.04 -10.64 -12.97
N LYS B 93 18.97 -9.42 -12.43
CA LYS B 93 19.92 -8.95 -11.43
C LYS B 93 19.21 -8.76 -10.10
N VAL B 94 19.64 -9.53 -9.10
CA VAL B 94 19.18 -9.35 -7.73
C VAL B 94 20.15 -8.40 -7.02
N PRO B 95 19.75 -7.17 -6.71
CA PRO B 95 20.73 -6.18 -6.24
C PRO B 95 21.02 -6.30 -4.74
N TYR B 96 20.84 -7.49 -4.18
CA TYR B 96 21.07 -7.73 -2.76
C TYR B 96 22.08 -8.85 -2.59
N SER B 97 22.74 -8.86 -1.44
CA SER B 97 23.72 -9.87 -1.13
C SER B 97 23.09 -10.98 -0.29
N THR B 98 23.89 -12.00 0.01
CA THR B 98 23.38 -13.11 0.82
C THR B 98 23.00 -12.65 2.22
N ALA B 99 23.69 -11.64 2.74
CA ALA B 99 23.37 -11.08 4.04
C ALA B 99 22.36 -9.94 3.98
N GLU B 100 22.19 -9.33 2.81
CA GLU B 100 21.24 -8.23 2.69
C GLU B 100 19.80 -8.71 2.79
N ILE B 101 19.52 -9.93 2.32
CA ILE B 101 18.17 -10.47 2.38
C ILE B 101 17.91 -11.27 3.66
N ILE B 102 18.96 -11.69 4.36
CA ILE B 102 18.76 -12.34 5.66
C ILE B 102 18.19 -11.35 6.66
N ALA B 103 18.78 -10.15 6.73
CA ALA B 103 18.22 -9.09 7.56
C ALA B 103 16.82 -8.70 7.14
N PHE B 104 16.44 -8.98 5.89
CA PHE B 104 15.09 -8.72 5.45
C PHE B 104 14.12 -9.76 6.00
N LEU B 105 14.49 -11.04 5.92
CA LEU B 105 13.61 -12.10 6.39
C LEU B 105 13.49 -12.10 7.91
N VAL B 106 14.54 -11.69 8.62
CA VAL B 106 14.48 -11.67 10.08
C VAL B 106 13.46 -10.65 10.57
N GLU B 107 13.27 -9.57 9.81
CA GLU B 107 12.41 -8.48 10.27
C GLU B 107 10.93 -8.78 10.07
N HIS B 108 10.52 -9.04 8.81
CA HIS B 108 9.10 -9.22 8.47
C HIS B 108 8.94 -10.47 7.60
N ALA B 109 9.03 -11.65 8.25
CA ALA B 109 8.75 -12.91 7.61
C ALA B 109 8.32 -13.89 8.70
N PRO B 110 7.32 -14.72 8.46
CA PRO B 110 6.84 -15.65 9.50
C PRO B 110 7.88 -16.70 9.85
N ILE B 111 8.79 -16.35 10.77
CA ILE B 111 9.90 -17.20 11.14
C ILE B 111 9.97 -17.29 12.66
N SER B 112 10.25 -18.50 13.17
CA SER B 112 10.50 -18.73 14.58
C SER B 112 11.99 -19.05 14.74
N ASP B 113 12.74 -18.10 15.28
CA ASP B 113 14.20 -18.17 15.38
C ASP B 113 14.75 -18.29 13.96
N ARG B 114 15.40 -19.39 13.58
CA ARG B 114 15.90 -19.57 12.23
C ARG B 114 15.04 -20.51 11.40
N ILE B 115 13.92 -20.98 11.94
CA ILE B 115 13.06 -21.95 11.28
C ILE B 115 11.77 -21.25 10.87
N ALA B 116 11.36 -21.45 9.62
CA ALA B 116 10.13 -20.83 9.12
C ALA B 116 8.91 -21.49 9.76
N LYS B 117 7.97 -20.66 10.21
CA LYS B 117 6.76 -21.19 10.83
C LYS B 117 5.85 -21.86 9.79
N ARG B 118 5.41 -21.10 8.79
CA ARG B 118 4.50 -21.58 7.77
C ARG B 118 5.06 -21.24 6.40
N ASP B 119 4.34 -21.67 5.36
CA ASP B 119 4.80 -21.44 4.00
C ASP B 119 4.64 -19.98 3.60
N PHE B 120 5.62 -19.47 2.87
CA PHE B 120 5.58 -18.09 2.39
C PHE B 120 6.38 -18.01 1.08
N THR B 121 6.22 -16.89 0.39
CA THR B 121 6.87 -16.66 -0.90
C THR B 121 7.66 -15.37 -0.85
N LEU B 122 8.95 -15.46 -1.17
CA LEU B 122 9.83 -14.29 -1.25
C LEU B 122 10.00 -13.94 -2.72
N PHE B 123 9.64 -12.71 -3.09
CA PHE B 123 9.71 -12.27 -4.48
C PHE B 123 10.32 -10.88 -4.55
N LEU B 124 10.86 -10.56 -5.72
CA LEU B 124 11.40 -9.25 -6.03
C LEU B 124 10.50 -8.59 -7.05
N ASP B 125 9.89 -7.47 -6.66
CA ASP B 125 8.88 -6.82 -7.49
C ASP B 125 9.55 -6.06 -8.64
N ALA B 126 8.79 -5.20 -9.30
CA ALA B 126 9.31 -4.45 -10.43
C ALA B 126 10.18 -3.25 -10.02
N ARG B 127 10.06 -2.80 -8.77
CA ARG B 127 10.83 -1.66 -8.28
C ARG B 127 12.09 -2.08 -7.55
N ASP B 128 12.54 -3.32 -7.73
CA ASP B 128 13.75 -3.83 -7.08
C ASP B 128 13.68 -3.69 -5.57
N ARG B 129 12.52 -4.01 -5.00
CA ARG B 129 12.30 -3.96 -3.56
C ARG B 129 11.81 -5.31 -3.08
N LEU B 130 12.50 -5.87 -2.10
CA LEU B 130 12.11 -7.16 -1.55
C LEU B 130 10.78 -7.03 -0.81
N ARG B 131 9.89 -7.99 -1.05
CA ARG B 131 8.59 -8.02 -0.40
C ARG B 131 8.21 -9.47 -0.14
N ILE B 132 7.37 -9.67 0.87
CA ILE B 132 6.97 -11.00 1.34
C ILE B 132 5.50 -11.21 1.01
N SER B 133 5.15 -12.45 0.69
CA SER B 133 3.77 -12.81 0.35
C SER B 133 3.47 -14.20 0.87
N GLU B 134 2.36 -14.33 1.59
CA GLU B 134 1.93 -15.61 2.16
C GLU B 134 0.91 -16.28 1.25
N CYS B 135 1.25 -16.44 -0.02
CA CYS B 135 0.32 -16.96 -1.01
C CYS B 135 1.11 -17.77 -2.05
N LEU B 136 1.05 -19.09 -1.93
CA LEU B 136 1.57 -19.96 -2.97
C LEU B 136 0.54 -20.05 -4.10
N LEU B 137 1.01 -19.96 -5.33
CA LEU B 137 0.13 -19.82 -6.48
C LEU B 137 0.54 -20.81 -7.57
N GLU B 138 0.03 -20.59 -8.78
CA GLU B 138 0.10 -21.54 -9.88
C GLU B 138 1.39 -21.42 -10.67
N GLU B 139 1.42 -22.02 -11.86
CA GLU B 139 2.54 -21.90 -12.78
C GLU B 139 2.86 -20.44 -13.12
#